data_2V0B
#
_entry.id   2V0B
#
_cell.length_a   51.407
_cell.length_b   57.473
_cell.length_c   74.184
_cell.angle_alpha   90.00
_cell.angle_beta   90.00
_cell.angle_gamma   90.00
#
_symmetry.space_group_name_H-M   'P 21 21 21'
#
loop_
_entity.id
_entity.type
_entity.pdbx_description
1 polymer ELASTASE-1
2 non-polymer 'CALCIUM ION'
3 non-polymer 'SELENATE ION'
4 water water
#
_entity_poly.entity_id   1
_entity_poly.type   'polypeptide(L)'
_entity_poly.pdbx_seq_one_letter_code
;VVGGTEAQRNSWPSQISLQYRSGSSWAHTCGGTLIRQNWVMTAAHCVDRELTFRVVVGEHNLNQNDGTEQYVGVQKIVVH
PYWNTDDVAAGYDIALLRLAQSVTLNSYVQLGVLPRAGTILANNSPCYITGWGLTRTNGQLAQTLQQAYLPTVDYAICSS
SSYWGSTVKNSMVCAGGDGVRSGCQGDSGGPLHCLVNGQYAVHGVTSFVSRLGCNVTRKPTVFTRVSAYISWINNVIASN
;
_entity_poly.pdbx_strand_id   A
#
# COMPACT_ATOMS: atom_id res chain seq x y z
N VAL A 1 -3.73 -10.05 -2.31
CA VAL A 1 -5.08 -9.81 -1.75
C VAL A 1 -5.93 -11.08 -1.88
N VAL A 2 -6.64 -11.37 -0.80
CA VAL A 2 -7.49 -12.54 -0.72
C VAL A 2 -8.88 -12.15 -1.19
N GLY A 3 -9.50 -13.02 -1.99
CA GLY A 3 -10.84 -12.73 -2.48
C GLY A 3 -10.91 -11.55 -3.44
N GLY A 4 -9.83 -11.34 -4.19
CA GLY A 4 -9.83 -10.26 -5.16
C GLY A 4 -10.16 -10.78 -6.54
N THR A 5 -10.00 -9.92 -7.54
CA THR A 5 -10.22 -10.26 -8.93
C THR A 5 -9.08 -9.58 -9.69
N GLU A 6 -8.69 -10.14 -10.82
CA GLU A 6 -7.61 -9.54 -11.58
C GLU A 6 -7.98 -8.12 -12.04
N ALA A 7 -7.07 -7.18 -11.84
CA ALA A 7 -7.31 -5.81 -12.27
C ALA A 7 -7.10 -5.73 -13.76
N GLN A 8 -7.80 -4.78 -14.39
CA GLN A 8 -7.63 -4.59 -15.81
C GLN A 8 -6.23 -4.03 -15.95
N ARG A 9 -5.59 -4.41 -17.05
CA ARG A 9 -4.24 -3.98 -17.36
C ARG A 9 -4.04 -2.51 -17.05
N ASN A 10 -3.16 -2.26 -16.11
CA ASN A 10 -2.81 -0.92 -15.68
C ASN A 10 -3.96 0.07 -15.41
N SER A 11 -5.02 -0.41 -14.76
CA SER A 11 -6.16 0.43 -14.40
C SER A 11 -5.81 1.22 -13.11
N TRP A 12 -4.68 0.89 -12.50
CA TRP A 12 -4.20 1.56 -11.29
C TRP A 12 -2.75 1.91 -11.59
N PRO A 13 -2.55 2.89 -12.49
CA PRO A 13 -1.23 3.33 -12.92
C PRO A 13 -0.23 3.86 -11.91
N SER A 14 -0.68 4.13 -10.69
CA SER A 14 0.26 4.61 -9.68
C SER A 14 0.78 3.46 -8.83
N GLN A 15 0.19 2.28 -8.98
CA GLN A 15 0.65 1.12 -8.21
C GLN A 15 2.05 0.70 -8.65
N ILE A 16 2.94 0.49 -7.70
CA ILE A 16 4.26 -0.01 -8.06
C ILE A 16 4.57 -1.30 -7.32
N SER A 17 5.56 -2.04 -7.83
CA SER A 17 6.00 -3.27 -7.16
C SER A 17 7.38 -2.98 -6.56
N LEU A 18 7.53 -3.18 -5.24
CA LEU A 18 8.82 -2.97 -4.56
C LEU A 18 9.43 -4.36 -4.48
N GLN A 19 10.63 -4.50 -5.04
CA GLN A 19 11.30 -5.78 -5.10
C GLN A 19 12.72 -5.71 -4.52
N TYR A 20 13.21 -6.86 -4.04
CA TYR A 20 14.55 -6.90 -3.50
C TYR A 20 15.33 -7.98 -4.21
N ARG A 21 16.65 -7.81 -4.23
CA ARG A 21 17.51 -8.76 -4.89
C ARG A 21 17.73 -10.00 -4.01
N SER A 22 17.54 -11.16 -4.64
CA SER A 22 17.70 -12.48 -4.02
C SER A 22 18.68 -13.23 -4.91
N GLY A 23 19.94 -13.30 -4.49
CA GLY A 23 20.94 -13.97 -5.30
C GLY A 23 21.13 -13.17 -6.58
N SER A 24 20.74 -13.75 -7.70
CA SER A 24 20.86 -13.06 -8.99
C SER A 24 19.48 -12.74 -9.55
N SER A 25 18.44 -12.88 -8.73
CA SER A 25 17.10 -12.59 -9.20
C SER A 25 16.44 -11.53 -8.33
N TRP A 26 15.20 -11.20 -8.67
CA TRP A 26 14.47 -10.20 -7.92
C TRP A 26 13.16 -10.81 -7.44
N ALA A 27 12.78 -10.44 -6.24
CA ALA A 27 11.54 -10.94 -5.67
C ALA A 27 10.69 -9.80 -5.20
N HIS A 28 9.41 -9.85 -5.56
CA HIS A 28 8.45 -8.86 -5.12
C HIS A 28 8.25 -9.02 -3.61
N THR A 29 8.23 -7.91 -2.87
CA THR A 29 8.02 -7.98 -1.44
C THR A 29 6.89 -7.07 -0.97
N CYS A 30 6.68 -5.96 -1.66
CA CYS A 30 5.67 -5.01 -1.24
C CYS A 30 5.11 -4.17 -2.38
N GLY A 31 4.00 -3.48 -2.08
CA GLY A 31 3.45 -2.56 -3.06
C GLY A 31 3.89 -1.16 -2.63
N GLY A 32 3.51 -0.17 -3.42
CA GLY A 32 3.80 1.22 -3.11
C GLY A 32 2.99 2.05 -4.09
N THR A 33 3.01 3.36 -3.91
CA THR A 33 2.30 4.30 -4.76
C THR A 33 3.31 5.32 -5.29
N LEU A 34 3.36 5.52 -6.60
CA LEU A 34 4.26 6.51 -7.20
C LEU A 34 3.61 7.86 -6.90
N ILE A 35 4.29 8.74 -6.16
CA ILE A 35 3.67 10.03 -5.83
C ILE A 35 4.31 11.23 -6.52
N ARG A 36 5.54 11.05 -7.00
CA ARG A 36 6.27 12.06 -7.78
C ARG A 36 7.00 11.19 -8.81
N GLN A 37 7.51 11.78 -9.88
CA GLN A 37 8.21 10.97 -10.85
C GLN A 37 9.43 10.28 -10.27
N ASN A 38 9.94 10.81 -9.15
CA ASN A 38 11.09 10.21 -8.52
C ASN A 38 10.85 9.89 -7.04
N TRP A 39 9.59 9.74 -6.64
CA TRP A 39 9.26 9.37 -5.25
C TRP A 39 8.16 8.35 -5.15
N VAL A 40 8.37 7.36 -4.28
CA VAL A 40 7.38 6.32 -4.03
C VAL A 40 7.00 6.30 -2.56
N MET A 41 5.71 6.16 -2.29
CA MET A 41 5.22 6.07 -0.92
C MET A 41 4.94 4.59 -0.65
N THR A 42 5.49 4.07 0.46
CA THR A 42 5.27 2.67 0.83
C THR A 42 5.19 2.54 2.36
N ALA A 43 5.17 1.32 2.89
CA ALA A 43 5.11 1.14 4.34
C ALA A 43 6.53 1.10 4.91
N ALA A 44 6.72 1.66 6.10
CA ALA A 44 8.03 1.60 6.73
C ALA A 44 8.46 0.15 6.98
N HIS A 45 7.52 -0.72 7.32
CA HIS A 45 7.96 -2.09 7.60
C HIS A 45 8.49 -2.82 6.38
N CYS A 46 8.15 -2.31 5.20
CA CYS A 46 8.62 -2.93 3.98
C CYS A 46 10.12 -2.79 3.81
N VAL A 47 10.66 -1.73 4.41
CA VAL A 47 12.08 -1.48 4.29
C VAL A 47 12.87 -1.60 5.59
N ASP A 48 12.36 -2.39 6.53
CA ASP A 48 13.06 -2.63 7.79
C ASP A 48 14.38 -3.36 7.49
N ARG A 49 14.36 -4.27 6.54
CA ARG A 49 15.55 -5.04 6.17
C ARG A 49 16.49 -4.24 5.27
N GLU A 50 17.80 -4.42 5.47
CA GLU A 50 18.77 -3.67 4.69
C GLU A 50 19.12 -4.39 3.40
N LEU A 51 18.10 -4.48 2.54
CA LEU A 51 18.23 -5.15 1.26
C LEU A 51 18.43 -4.16 0.11
N THR A 52 18.72 -4.72 -1.07
CA THR A 52 18.85 -3.91 -2.28
C THR A 52 17.44 -3.90 -2.86
N PHE A 53 16.87 -2.72 -2.99
CA PHE A 53 15.52 -2.61 -3.50
C PHE A 53 15.44 -1.94 -4.86
N ARG A 54 14.45 -2.34 -5.65
CA ARG A 54 14.19 -1.66 -6.90
C ARG A 54 12.69 -1.46 -6.93
N VAL A 55 12.27 -0.48 -7.72
CA VAL A 55 10.87 -0.19 -7.92
C VAL A 55 10.53 -0.48 -9.38
N VAL A 56 9.40 -1.15 -9.61
CA VAL A 56 8.94 -1.40 -10.96
C VAL A 56 7.61 -0.69 -11.16
N VAL A 57 7.55 0.20 -12.14
CA VAL A 57 6.33 0.92 -12.45
C VAL A 57 5.78 0.31 -13.73
N GLY A 58 4.49 0.53 -13.99
CA GLY A 58 3.85 -0.01 -15.19
C GLY A 58 3.81 -1.52 -15.22
N GLU A 59 3.84 -2.14 -14.04
CA GLU A 59 3.85 -3.58 -13.98
C GLU A 59 2.45 -4.14 -13.90
N HIS A 60 2.27 -5.36 -14.41
CA HIS A 60 0.99 -6.04 -14.37
C HIS A 60 1.16 -7.51 -14.00
N ASN A 61 1.98 -8.23 -14.77
CA ASN A 61 2.24 -9.65 -14.50
C ASN A 61 3.66 -9.75 -13.98
N LEU A 62 3.84 -10.18 -12.75
CA LEU A 62 5.20 -10.23 -12.19
C LEU A 62 6.23 -11.10 -12.87
N ASN A 63 5.79 -12.17 -13.52
CA ASN A 63 6.74 -13.08 -14.13
C ASN A 63 6.66 -13.16 -15.66
N GLN A 64 6.08 -12.15 -16.30
CA GLN A 64 5.99 -12.15 -17.76
C GLN A 64 6.15 -10.74 -18.27
N ASN A 65 6.78 -10.58 -19.43
CA ASN A 65 6.94 -9.25 -19.98
C ASN A 65 5.60 -8.68 -20.42
N ASP A 66 5.31 -7.46 -19.95
CA ASP A 66 4.06 -6.77 -20.27
C ASP A 66 4.28 -5.70 -21.31
N GLY A 67 5.56 -5.38 -21.55
CA GLY A 67 5.93 -4.35 -22.52
C GLY A 67 5.69 -2.93 -22.03
N THR A 68 5.45 -2.76 -20.73
CA THR A 68 5.16 -1.44 -20.19
C THR A 68 5.95 -1.11 -18.93
N GLU A 69 6.77 -2.05 -18.48
CA GLU A 69 7.51 -1.86 -17.23
C GLU A 69 8.67 -0.92 -17.31
N GLN A 70 8.94 -0.22 -16.21
CA GLN A 70 10.14 0.62 -16.11
C GLN A 70 10.76 0.19 -14.77
N TYR A 71 12.08 0.00 -14.75
CA TYR A 71 12.77 -0.47 -13.56
C TYR A 71 13.70 0.60 -13.05
N VAL A 72 13.68 0.86 -11.76
CA VAL A 72 14.55 1.89 -11.24
C VAL A 72 15.01 1.60 -9.82
N GLY A 73 16.25 1.98 -9.56
CA GLY A 73 16.81 1.77 -8.22
C GLY A 73 16.29 2.76 -7.19
N VAL A 74 16.45 2.41 -5.92
CA VAL A 74 16.04 3.24 -4.81
C VAL A 74 17.31 3.90 -4.28
N GLN A 75 17.41 5.21 -4.44
CA GLN A 75 18.59 5.96 -4.01
C GLN A 75 18.59 6.35 -2.53
N LYS A 76 17.41 6.61 -1.97
CA LYS A 76 17.35 6.99 -0.57
C LYS A 76 16.04 6.52 0.02
N ILE A 77 16.10 6.06 1.26
CA ILE A 77 14.91 5.61 1.96
C ILE A 77 14.68 6.50 3.18
N VAL A 78 13.53 7.16 3.24
CA VAL A 78 13.22 8.04 4.37
C VAL A 78 12.03 7.46 5.12
N VAL A 79 12.32 6.84 6.26
CA VAL A 79 11.27 6.23 7.08
C VAL A 79 10.74 7.25 8.07
N HIS A 80 9.45 7.17 8.41
CA HIS A 80 8.94 8.13 9.37
C HIS A 80 9.79 8.02 10.64
N PRO A 81 10.24 9.18 11.18
CA PRO A 81 11.07 9.17 12.38
C PRO A 81 10.49 8.49 13.63
N TYR A 82 9.18 8.34 13.70
CA TYR A 82 8.53 7.71 14.83
C TYR A 82 8.21 6.23 14.62
N TRP A 83 8.48 5.68 13.45
CA TRP A 83 8.20 4.28 13.22
C TRP A 83 9.00 3.39 14.15
N ASN A 84 8.32 2.42 14.74
CA ASN A 84 8.97 1.47 15.62
C ASN A 84 8.57 0.09 15.14
N THR A 85 9.53 -0.65 14.60
CA THR A 85 9.28 -1.98 14.07
C THR A 85 8.68 -2.95 15.11
N ASP A 86 8.93 -2.70 16.40
CA ASP A 86 8.39 -3.55 17.48
C ASP A 86 6.93 -3.20 17.84
N ASP A 87 6.38 -2.16 17.22
CA ASP A 87 5.03 -1.69 17.59
C ASP A 87 4.29 -1.18 16.34
N VAL A 88 3.87 -2.07 15.46
CA VAL A 88 3.18 -1.60 14.26
C VAL A 88 1.87 -0.93 14.66
N ALA A 89 1.32 -1.36 15.81
CA ALA A 89 0.06 -0.82 16.28
C ALA A 89 0.17 0.64 16.72
N ALA A 90 1.40 1.13 16.89
CA ALA A 90 1.61 2.53 17.27
C ALA A 90 1.43 3.43 16.05
N GLY A 91 1.46 2.82 14.86
CA GLY A 91 1.31 3.59 13.63
C GLY A 91 2.64 4.04 13.03
N TYR A 92 2.56 5.13 12.28
CA TYR A 92 3.70 5.73 11.57
C TYR A 92 4.32 4.75 10.58
N ASP A 93 3.51 3.83 10.05
CA ASP A 93 4.05 2.83 9.13
C ASP A 93 4.03 3.42 7.73
N ILE A 94 5.01 4.26 7.45
CA ILE A 94 5.10 4.90 6.15
C ILE A 94 6.54 5.28 5.88
N ALA A 95 6.94 5.22 4.60
CA ALA A 95 8.31 5.57 4.20
C ALA A 95 8.25 6.11 2.79
N LEU A 96 9.18 6.99 2.45
CA LEU A 96 9.23 7.56 1.11
C LEU A 96 10.54 7.09 0.48
N LEU A 97 10.46 6.64 -0.77
CA LEU A 97 11.63 6.15 -1.47
C LEU A 97 11.99 7.12 -2.59
N ARG A 98 13.20 7.69 -2.56
CA ARG A 98 13.61 8.58 -3.64
C ARG A 98 14.24 7.67 -4.70
N LEU A 99 13.70 7.73 -5.91
CA LEU A 99 14.18 6.90 -7.01
C LEU A 99 15.45 7.48 -7.62
N ALA A 100 16.34 6.60 -8.06
CA ALA A 100 17.62 6.98 -8.67
C ALA A 100 17.44 7.85 -9.90
N GLN A 101 16.36 7.61 -10.63
CA GLN A 101 16.04 8.40 -11.82
C GLN A 101 14.54 8.65 -11.77
N SER A 102 14.08 9.72 -12.42
CA SER A 102 12.65 9.98 -12.48
C SER A 102 12.09 9.02 -13.52
N VAL A 103 10.96 8.39 -13.25
CA VAL A 103 10.37 7.50 -14.25
C VAL A 103 9.58 8.35 -15.26
N THR A 104 9.29 7.75 -16.40
CA THR A 104 8.55 8.43 -17.46
C THR A 104 7.06 8.17 -17.28
N LEU A 105 6.27 9.24 -17.22
CA LEU A 105 4.83 9.07 -17.09
C LEU A 105 4.20 8.80 -18.45
N ASN A 106 3.25 7.88 -18.48
CA ASN A 106 2.52 7.53 -19.70
C ASN A 106 1.20 6.84 -19.30
N SER A 107 0.59 6.13 -20.24
CA SER A 107 -0.69 5.46 -19.99
C SER A 107 -0.65 4.45 -18.83
N TYR A 108 0.55 3.95 -18.54
CA TYR A 108 0.70 2.91 -17.52
C TYR A 108 1.41 3.34 -16.25
N VAL A 109 1.92 4.56 -16.27
CA VAL A 109 2.68 5.09 -15.15
C VAL A 109 2.16 6.49 -14.87
N GLN A 110 1.45 6.63 -13.76
CA GLN A 110 0.89 7.92 -13.37
C GLN A 110 1.06 8.16 -11.88
N LEU A 111 0.98 9.41 -11.48
CA LEU A 111 1.13 9.75 -10.08
C LEU A 111 -0.17 9.47 -9.36
N GLY A 112 -0.05 8.99 -8.13
CA GLY A 112 -1.23 8.72 -7.34
C GLY A 112 -1.68 10.03 -6.74
N VAL A 113 -3.00 10.21 -6.66
CA VAL A 113 -3.56 11.43 -6.07
C VAL A 113 -3.75 11.16 -4.58
N LEU A 114 -3.28 12.08 -3.74
CA LEU A 114 -3.38 11.93 -2.27
C LEU A 114 -4.49 12.83 -1.74
N PRO A 115 -5.16 12.40 -0.66
CA PRO A 115 -6.23 13.25 -0.11
C PRO A 115 -5.71 14.51 0.57
N ARG A 116 -6.60 15.47 0.77
CA ARG A 116 -6.24 16.70 1.49
C ARG A 116 -5.96 16.32 2.95
N ALA A 117 -5.01 17.00 3.57
CA ALA A 117 -4.65 16.71 4.94
C ALA A 117 -5.84 16.72 5.87
N GLY A 118 -5.87 15.76 6.77
CA GLY A 118 -6.91 15.68 7.76
C GLY A 118 -8.18 14.99 7.32
N THR A 119 -8.28 14.66 6.04
CA THR A 119 -9.50 14.02 5.53
C THR A 119 -9.80 12.67 6.16
N ILE A 120 -11.05 12.48 6.59
CA ILE A 120 -11.47 11.20 7.17
C ILE A 120 -12.66 10.73 6.35
N LEU A 121 -12.63 9.46 5.97
CA LEU A 121 -13.68 8.83 5.17
C LEU A 121 -14.90 8.49 6.04
N ALA A 122 -16.09 8.67 5.49
CA ALA A 122 -17.30 8.29 6.24
C ALA A 122 -17.28 6.76 6.30
N ASN A 123 -17.90 6.20 7.34
CA ASN A 123 -17.97 4.75 7.46
C ASN A 123 -18.56 4.17 6.18
N ASN A 124 -18.05 3.00 5.80
CA ASN A 124 -18.53 2.28 4.63
C ASN A 124 -18.29 2.97 3.30
N SER A 125 -17.20 3.75 3.23
CA SER A 125 -16.85 4.43 2.01
C SER A 125 -16.28 3.39 1.04
N PRO A 126 -16.61 3.51 -0.25
CA PRO A 126 -16.14 2.61 -1.30
C PRO A 126 -14.65 2.75 -1.57
N CYS A 127 -13.91 1.65 -1.38
CA CYS A 127 -12.47 1.67 -1.66
C CYS A 127 -12.06 0.35 -2.27
N TYR A 128 -10.91 0.36 -2.91
CA TYR A 128 -10.37 -0.85 -3.50
C TYR A 128 -8.93 -1.02 -3.05
N ILE A 129 -8.55 -2.24 -2.65
CA ILE A 129 -7.15 -2.47 -2.32
C ILE A 129 -6.57 -3.14 -3.55
N THR A 130 -5.31 -2.85 -3.90
CA THR A 130 -4.70 -3.50 -5.05
C THR A 130 -3.34 -4.01 -4.65
N GLY A 131 -2.92 -5.09 -5.31
CA GLY A 131 -1.61 -5.63 -5.00
C GLY A 131 -1.38 -7.02 -5.53
N TRP A 132 -0.13 -7.45 -5.39
CA TRP A 132 0.27 -8.79 -5.83
C TRP A 132 0.48 -9.70 -4.62
N GLY A 133 -0.01 -9.27 -3.46
CA GLY A 133 0.15 -10.04 -2.24
C GLY A 133 -0.50 -11.41 -2.26
N LEU A 134 -0.29 -12.17 -1.19
CA LEU A 134 -0.85 -13.51 -1.07
C LEU A 134 -2.34 -13.55 -1.36
N THR A 135 -2.76 -14.59 -2.11
CA THR A 135 -4.14 -14.76 -2.48
C THR A 135 -4.90 -15.63 -1.45
N ARG A 136 -4.15 -16.14 -0.47
CA ARG A 136 -4.73 -16.92 0.62
C ARG A 136 -3.81 -16.67 1.81
N THR A 137 -4.35 -16.79 3.01
CA THR A 137 -3.55 -16.69 4.23
C THR A 137 -2.50 -17.79 4.09
N ASN A 138 -1.23 -17.46 4.32
CA ASN A 138 -0.11 -18.40 4.20
C ASN A 138 -0.06 -19.03 2.80
N GLY A 139 -0.54 -18.28 1.82
CA GLY A 139 -0.54 -18.75 0.44
C GLY A 139 0.68 -18.25 -0.33
N GLN A 140 0.47 -17.88 -1.59
CA GLN A 140 1.54 -17.38 -2.44
C GLN A 140 1.11 -16.11 -3.18
N LEU A 141 2.10 -15.34 -3.60
CA LEU A 141 1.85 -14.10 -4.33
C LEU A 141 1.04 -14.34 -5.59
N ALA A 142 0.33 -13.31 -6.03
CA ALA A 142 -0.45 -13.39 -7.25
C ALA A 142 0.51 -13.09 -8.39
N GLN A 143 0.25 -13.64 -9.57
CA GLN A 143 1.09 -13.34 -10.72
C GLN A 143 0.65 -12.02 -11.36
N THR A 144 -0.66 -11.82 -11.43
CA THR A 144 -1.20 -10.60 -12.02
C THR A 144 -1.81 -9.69 -10.95
N LEU A 145 -1.78 -8.38 -11.19
CA LEU A 145 -2.29 -7.44 -10.19
C LEU A 145 -3.74 -7.72 -9.82
N GLN A 146 -4.01 -7.82 -8.51
CA GLN A 146 -5.37 -8.09 -8.04
C GLN A 146 -5.98 -6.87 -7.39
N GLN A 147 -7.31 -6.85 -7.31
CA GLN A 147 -8.01 -5.76 -6.64
C GLN A 147 -9.16 -6.38 -5.88
N ALA A 148 -9.52 -5.78 -4.75
CA ALA A 148 -10.66 -6.24 -3.96
C ALA A 148 -11.39 -5.00 -3.43
N TYR A 149 -12.72 -5.08 -3.48
CA TYR A 149 -13.55 -4.01 -2.97
C TYR A 149 -13.59 -4.16 -1.45
N LEU A 150 -13.08 -3.13 -0.74
CA LEU A 150 -13.03 -3.16 0.72
C LEU A 150 -13.57 -1.85 1.29
N PRO A 151 -14.88 -1.83 1.61
CA PRO A 151 -15.52 -0.64 2.18
C PRO A 151 -14.84 -0.28 3.51
N THR A 152 -14.74 1.02 3.82
CA THR A 152 -14.09 1.40 5.08
C THR A 152 -14.93 1.07 6.32
N VAL A 153 -14.24 0.90 7.45
CA VAL A 153 -14.86 0.65 8.74
C VAL A 153 -14.33 1.84 9.56
N ASP A 154 -15.22 2.73 10.02
CA ASP A 154 -14.70 3.90 10.72
C ASP A 154 -14.03 3.63 12.08
N TYR A 155 -13.30 4.63 12.58
CA TYR A 155 -12.58 4.47 13.83
C TYR A 155 -13.42 3.94 14.98
N ALA A 156 -14.60 4.51 15.18
CA ALA A 156 -15.48 4.07 16.27
C ALA A 156 -15.74 2.56 16.20
N ILE A 157 -16.10 2.09 15.02
CA ILE A 157 -16.37 0.67 14.86
C ILE A 157 -15.09 -0.16 14.88
N CYS A 158 -14.10 0.27 14.12
CA CYS A 158 -12.85 -0.46 14.04
C CYS A 158 -12.14 -0.60 15.39
N SER A 159 -12.21 0.43 16.23
CA SER A 159 -11.56 0.36 17.53
C SER A 159 -12.44 -0.28 18.62
N SER A 160 -13.59 -0.82 18.24
CA SER A 160 -14.49 -1.47 19.20
C SER A 160 -13.93 -2.83 19.59
N SER A 161 -14.36 -3.35 20.74
CA SER A 161 -13.86 -4.63 21.22
C SER A 161 -13.99 -5.84 20.27
N SER A 162 -15.09 -5.94 19.53
CA SER A 162 -15.26 -7.07 18.63
C SER A 162 -14.38 -6.96 17.39
N TYR A 163 -13.87 -5.76 17.13
CA TYR A 163 -13.02 -5.56 15.97
C TYR A 163 -11.55 -5.53 16.38
N TRP A 164 -10.89 -4.40 16.20
CA TRP A 164 -9.48 -4.30 16.54
C TRP A 164 -9.18 -3.69 17.90
N GLY A 165 -10.22 -3.18 18.55
CA GLY A 165 -9.99 -2.56 19.83
C GLY A 165 -8.92 -1.48 19.81
N SER A 166 -8.11 -1.43 20.87
CA SER A 166 -7.06 -0.43 21.00
C SER A 166 -5.87 -0.58 20.05
N THR A 167 -5.85 -1.67 19.30
CA THR A 167 -4.77 -1.90 18.36
C THR A 167 -4.79 -0.85 17.22
N VAL A 168 -5.98 -0.37 16.91
CA VAL A 168 -6.11 0.61 15.85
C VAL A 168 -6.12 2.00 16.42
N LYS A 169 -5.48 2.92 15.70
CA LYS A 169 -5.40 4.34 16.07
C LYS A 169 -6.07 5.20 15.00
N ASN A 170 -6.33 6.44 15.36
CA ASN A 170 -6.99 7.33 14.43
C ASN A 170 -6.11 7.72 13.24
N SER A 171 -4.83 7.40 13.34
CA SER A 171 -3.86 7.65 12.29
C SER A 171 -3.90 6.53 11.26
N MET A 172 -4.91 5.66 11.38
CA MET A 172 -5.06 4.51 10.48
C MET A 172 -6.44 4.49 9.84
N VAL A 173 -6.56 3.74 8.75
CA VAL A 173 -7.84 3.53 8.08
C VAL A 173 -8.06 2.01 8.07
N CYS A 174 -9.25 1.59 8.46
CA CYS A 174 -9.56 0.16 8.41
C CYS A 174 -10.47 -0.05 7.22
N ALA A 175 -10.34 -1.19 6.55
CA ALA A 175 -11.22 -1.47 5.42
C ALA A 175 -11.45 -2.96 5.26
N GLY A 176 -12.70 -3.31 4.93
CA GLY A 176 -13.04 -4.71 4.73
C GLY A 176 -13.59 -5.39 5.98
N GLY A 177 -12.98 -6.51 6.33
CA GLY A 177 -13.43 -7.25 7.51
C GLY A 177 -14.58 -8.21 7.23
N ASP A 178 -14.93 -8.45 5.96
CA ASP A 178 -16.06 -9.35 5.68
C ASP A 178 -15.75 -10.85 5.78
N GLY A 179 -14.51 -11.18 6.13
CA GLY A 179 -14.10 -12.57 6.25
C GLY A 179 -13.78 -13.29 4.95
N VAL A 180 -14.02 -12.62 3.84
CA VAL A 180 -13.78 -13.18 2.52
C VAL A 180 -12.66 -12.46 1.76
N ARG A 181 -12.72 -11.14 1.77
CA ARG A 181 -11.75 -10.30 1.06
C ARG A 181 -10.84 -9.51 1.99
N SER A 182 -9.59 -9.31 1.59
CA SER A 182 -8.67 -8.57 2.44
C SER A 182 -7.32 -8.42 1.79
N GLY A 183 -6.49 -7.58 2.41
CA GLY A 183 -5.11 -7.44 1.96
C GLY A 183 -4.38 -8.61 2.59
N CYS A 184 -3.13 -8.86 2.20
CA CYS A 184 -2.39 -9.98 2.79
C CYS A 184 -0.91 -9.66 2.60
N GLN A 185 -0.04 -10.50 3.15
CA GLN A 185 1.39 -10.24 3.02
C GLN A 185 1.75 -10.01 1.57
N GLY A 186 2.60 -9.03 1.31
CA GLY A 186 2.94 -8.77 -0.08
C GLY A 186 2.14 -7.61 -0.66
N ASP A 187 1.01 -7.27 -0.05
CA ASP A 187 0.21 -6.10 -0.48
C ASP A 187 0.71 -4.92 0.34
N SER A 188 1.38 -5.24 1.45
CA SER A 188 1.95 -4.27 2.37
C SER A 188 2.63 -3.12 1.61
N GLY A 189 2.39 -1.90 2.08
CA GLY A 189 2.99 -0.74 1.43
C GLY A 189 2.17 -0.19 0.27
N GLY A 190 1.27 -1.02 -0.27
CA GLY A 190 0.48 -0.60 -1.41
C GLY A 190 -0.68 0.30 -1.05
N PRO A 191 -1.40 0.75 -2.05
CA PRO A 191 -2.56 1.64 -1.86
C PRO A 191 -3.93 1.05 -1.51
N LEU A 192 -4.74 1.91 -0.89
CA LEU A 192 -6.16 1.66 -0.66
C LEU A 192 -6.67 2.88 -1.43
N HIS A 193 -7.34 2.64 -2.58
CA HIS A 193 -7.88 3.71 -3.44
C HIS A 193 -9.35 3.93 -3.10
N CYS A 194 -9.75 5.17 -2.82
CA CYS A 194 -11.14 5.45 -2.48
C CYS A 194 -11.66 6.64 -3.30
N LEU A 195 -12.91 6.53 -3.73
CA LEU A 195 -13.52 7.56 -4.55
C LEU A 195 -13.88 8.82 -3.75
N VAL A 196 -13.31 9.96 -4.14
CA VAL A 196 -13.57 11.23 -3.46
C VAL A 196 -13.80 12.34 -4.49
N ASN A 197 -15.04 12.80 -4.57
CA ASN A 197 -15.44 13.85 -5.53
C ASN A 197 -15.02 13.51 -6.96
N GLY A 198 -15.45 12.33 -7.39
CA GLY A 198 -15.15 11.84 -8.73
C GLY A 198 -13.73 11.39 -8.97
N GLN A 199 -12.88 11.51 -7.95
CA GLN A 199 -11.48 11.13 -8.08
C GLN A 199 -11.10 10.02 -7.12
N TYR A 200 -10.39 9.03 -7.64
CA TYR A 200 -9.91 7.98 -6.77
C TYR A 200 -8.63 8.57 -6.15
N ALA A 201 -8.55 8.56 -4.83
CA ALA A 201 -7.35 9.06 -4.16
C ALA A 201 -6.81 7.92 -3.28
N VAL A 202 -5.50 7.94 -3.03
CA VAL A 202 -4.90 6.88 -2.21
C VAL A 202 -4.96 7.31 -0.74
N HIS A 203 -5.95 6.77 -0.02
CA HIS A 203 -6.16 7.13 1.38
C HIS A 203 -5.39 6.25 2.34
N GLY A 204 -4.90 5.10 1.87
CA GLY A 204 -4.18 4.22 2.79
C GLY A 204 -2.96 3.55 2.21
N VAL A 205 -2.05 3.19 3.10
CA VAL A 205 -0.82 2.45 2.77
C VAL A 205 -1.02 1.17 3.58
N THR A 206 -1.09 0.02 2.91
CA THR A 206 -1.33 -1.23 3.59
C THR A 206 -0.32 -1.52 4.69
N SER A 207 -0.82 -1.73 5.92
CA SER A 207 0.07 -1.93 7.06
C SER A 207 -0.03 -3.31 7.71
N PHE A 208 -1.21 -3.68 8.22
CA PHE A 208 -1.27 -5.00 8.85
C PHE A 208 -2.62 -5.68 8.81
N VAL A 209 -2.58 -6.98 9.11
CA VAL A 209 -3.78 -7.78 9.18
C VAL A 209 -3.65 -8.59 10.48
N SER A 210 -4.66 -9.40 10.76
CA SER A 210 -4.65 -10.22 11.96
C SER A 210 -3.59 -11.32 11.96
N ARG A 211 -3.05 -11.60 13.15
CA ARG A 211 -2.09 -12.68 13.30
C ARG A 211 -2.79 -14.03 13.02
N LEU A 212 -4.12 -14.04 13.08
CA LEU A 212 -4.87 -15.27 12.83
C LEU A 212 -5.05 -15.51 11.33
N GLY A 213 -4.80 -14.46 10.53
CA GLY A 213 -4.93 -14.63 9.09
C GLY A 213 -5.29 -13.35 8.38
N CYS A 214 -5.24 -13.38 7.05
CA CYS A 214 -5.57 -12.20 6.25
C CYS A 214 -7.07 -11.87 6.23
N ASN A 215 -7.89 -12.78 5.73
CA ASN A 215 -9.34 -12.53 5.68
C ASN A 215 -10.00 -13.09 6.93
N VAL A 216 -10.14 -12.25 7.95
CA VAL A 216 -10.75 -12.64 9.21
C VAL A 216 -11.92 -11.71 9.51
N THR A 217 -13.07 -12.31 9.79
CA THR A 217 -14.26 -11.54 10.07
C THR A 217 -14.00 -10.61 11.24
N ARG A 218 -14.38 -9.36 11.05
CA ARG A 218 -14.21 -8.31 12.04
C ARG A 218 -12.76 -7.92 12.33
N LYS A 219 -11.85 -8.29 11.43
CA LYS A 219 -10.46 -7.87 11.55
C LYS A 219 -10.13 -7.25 10.20
N PRO A 220 -10.73 -6.10 9.90
CA PRO A 220 -10.46 -5.46 8.61
C PRO A 220 -8.98 -5.20 8.37
N THR A 221 -8.60 -5.08 7.11
CA THR A 221 -7.22 -4.78 6.81
C THR A 221 -6.95 -3.36 7.34
N VAL A 222 -5.79 -3.14 7.94
CA VAL A 222 -5.44 -1.83 8.51
C VAL A 222 -4.38 -1.13 7.68
N PHE A 223 -4.63 0.15 7.38
CA PHE A 223 -3.75 0.97 6.56
C PHE A 223 -3.32 2.24 7.27
N THR A 224 -2.14 2.70 6.92
CA THR A 224 -1.65 3.96 7.46
C THR A 224 -2.56 5.00 6.78
N ARG A 225 -3.11 5.95 7.54
CA ARG A 225 -3.99 6.98 6.96
C ARG A 225 -3.12 8.06 6.32
N VAL A 226 -3.09 8.05 4.99
CA VAL A 226 -2.25 8.99 4.25
C VAL A 226 -2.52 10.45 4.60
N SER A 227 -3.79 10.82 4.79
CA SER A 227 -4.10 12.21 5.09
C SER A 227 -3.55 12.76 6.41
N ALA A 228 -3.03 11.88 7.27
CA ALA A 228 -2.46 12.30 8.53
C ALA A 228 -1.00 12.66 8.33
N TYR A 229 -0.50 12.38 7.14
CA TYR A 229 0.91 12.56 6.84
C TYR A 229 1.26 13.49 5.70
N ILE A 230 0.31 14.29 5.23
CA ILE A 230 0.58 15.17 4.11
C ILE A 230 1.73 16.15 4.34
N SER A 231 1.73 16.79 5.51
CA SER A 231 2.81 17.72 5.82
C SER A 231 4.16 17.03 5.85
N TRP A 232 4.21 15.86 6.49
CA TRP A 232 5.48 15.12 6.56
C TRP A 232 5.94 14.76 5.15
N ILE A 233 5.03 14.24 4.33
CA ILE A 233 5.40 13.88 2.96
C ILE A 233 5.97 15.09 2.20
N ASN A 234 5.27 16.21 2.27
CA ASN A 234 5.76 17.41 1.59
C ASN A 234 7.11 17.87 2.13
N ASN A 235 7.30 17.76 3.44
CA ASN A 235 8.55 18.20 4.05
C ASN A 235 9.72 17.32 3.62
N VAL A 236 9.47 16.02 3.46
CA VAL A 236 10.53 15.10 3.04
C VAL A 236 10.93 15.44 1.60
N ILE A 237 9.93 15.59 0.73
CA ILE A 237 10.24 15.88 -0.65
C ILE A 237 10.94 17.22 -0.75
N ALA A 238 10.50 18.19 0.06
CA ALA A 238 11.11 19.50 0.06
C ALA A 238 12.56 19.54 0.59
N SER A 239 12.96 18.60 1.44
CA SER A 239 14.31 18.64 1.96
C SER A 239 15.23 17.56 1.40
N ASN A 240 14.83 16.99 0.26
CA ASN A 240 15.61 15.96 -0.41
C ASN A 240 15.56 16.14 -1.92
#